data_5H34
#
_entry.id   5H34
#
_cell.length_a   51.638
_cell.length_b   58.824
_cell.length_c   59.487
_cell.angle_alpha   90.00
_cell.angle_beta   90.00
_cell.angle_gamma   90.00
#
_symmetry.space_group_name_H-M   'P 21 21 21'
#
loop_
_entity.id
_entity.type
_entity.pdbx_description
1 polymer 'Methionine-tRNA ligase'
2 water water
#
_entity_poly.entity_id   1
_entity_poly.type   'polypeptide(L)'
_entity_poly.pdbx_seq_one_letter_code
;MGSSHHHHHHSSGLVPRGSHMEKAEEEYGLVSYLDFAKLDMRVGKIIDVQDHPNADKLYIIKVSLGNKQKTLVGGLKQYY
KKEELIGKYVVLINNLKPKQLRGITSEGMLLAADDGKEVALLMPDKPISLGSKVR
;
_entity_poly.pdbx_strand_id   A,B
#
# COMPACT_ATOMS: atom_id res chain seq x y z
N GLU A 25 -13.98 5.35 -9.30
CA GLU A 25 -12.80 5.54 -10.13
C GLU A 25 -12.80 4.56 -11.29
N GLU A 26 -12.00 4.88 -12.30
CA GLU A 26 -12.05 4.16 -13.56
C GLU A 26 -11.28 2.85 -13.45
N GLU A 27 -11.75 1.83 -14.17
CA GLU A 27 -11.09 0.52 -14.17
C GLU A 27 -9.96 0.50 -15.19
N TYR A 28 -8.84 -0.07 -14.79
CA TYR A 28 -7.61 -0.06 -15.58
C TYR A 28 -7.46 -1.35 -16.37
N GLY A 29 -6.70 -1.24 -17.46
CA GLY A 29 -6.24 -2.45 -18.14
C GLY A 29 -5.39 -3.30 -17.22
N LEU A 30 -5.41 -4.61 -17.47
CA LEU A 30 -4.74 -5.54 -16.57
C LEU A 30 -3.24 -5.60 -16.84
N VAL A 31 -2.46 -5.75 -15.78
CA VAL A 31 -1.01 -5.88 -15.89
C VAL A 31 -0.58 -7.14 -15.16
N SER A 32 0.69 -7.48 -15.35
CA SER A 32 1.26 -8.70 -14.78
C SER A 32 1.56 -8.52 -13.30
N TYR A 33 1.51 -9.63 -12.57
CA TYR A 33 2.09 -9.61 -11.24
C TYR A 33 3.53 -9.14 -11.27
N LEU A 34 4.26 -9.47 -12.34
CA LEU A 34 5.66 -9.06 -12.44
C LEU A 34 5.81 -7.54 -12.41
N ASP A 35 4.78 -6.81 -12.83
CA ASP A 35 4.83 -5.36 -12.75
C ASP A 35 4.74 -4.88 -11.30
N PHE A 36 3.90 -5.52 -10.49
CA PHE A 36 3.90 -5.23 -9.06
C PHE A 36 5.24 -5.60 -8.44
N ALA A 37 5.79 -6.74 -8.85
CA ALA A 37 7.05 -7.23 -8.31
C ALA A 37 8.19 -6.26 -8.50
N LYS A 38 8.08 -5.33 -9.44
CA LYS A 38 9.17 -4.38 -9.68
C LYS A 38 9.34 -3.42 -8.52
N LEU A 39 8.28 -3.16 -7.75
CA LEU A 39 8.33 -2.22 -6.65
C LEU A 39 8.91 -2.84 -5.40
N ASP A 40 9.72 -2.08 -4.68
CA ASP A 40 10.20 -2.51 -3.36
C ASP A 40 9.42 -1.70 -2.32
N MET A 41 8.25 -2.20 -1.93
CA MET A 41 7.42 -1.52 -0.95
C MET A 41 7.75 -2.03 0.44
N ARG A 42 7.98 -1.08 1.37
CA ARG A 42 8.43 -1.40 2.72
C ARG A 42 7.63 -0.63 3.75
N VAL A 43 7.52 -1.20 4.96
CA VAL A 43 7.04 -0.44 6.10
C VAL A 43 8.17 0.43 6.64
N GLY A 44 7.86 1.70 6.90
CA GLY A 44 8.77 2.60 7.58
C GLY A 44 8.05 3.32 8.70
N LYS A 45 8.82 4.12 9.43
CA LYS A 45 8.29 4.91 10.52
C LYS A 45 8.75 6.34 10.32
N ILE A 46 7.83 7.29 10.42
CA ILE A 46 8.24 8.68 10.29
C ILE A 46 9.00 9.10 11.55
N ILE A 47 10.18 9.68 11.34
CA ILE A 47 11.06 10.10 12.43
C ILE A 47 11.00 11.61 12.62
N ASP A 48 10.85 12.38 11.55
CA ASP A 48 10.88 13.84 11.62
C ASP A 48 10.16 14.37 10.39
N VAL A 49 9.48 15.50 10.58
CA VAL A 49 8.76 16.19 9.51
C VAL A 49 9.05 17.68 9.62
N GLN A 50 9.35 18.32 8.50
CA GLN A 50 9.55 19.76 8.46
C GLN A 50 8.88 20.32 7.22
N ASP A 51 8.53 21.60 7.26
CA ASP A 51 8.03 22.25 6.07
C ASP A 51 9.11 22.23 5.00
N HIS A 52 8.69 21.99 3.76
CA HIS A 52 9.60 22.22 2.64
C HIS A 52 9.89 23.73 2.61
N PRO A 53 11.15 24.14 2.70
CA PRO A 53 11.44 25.58 2.83
C PRO A 53 11.06 26.40 1.61
N ASN A 54 10.81 25.77 0.47
CA ASN A 54 10.50 26.52 -0.75
C ASN A 54 9.17 26.13 -1.36
N ALA A 55 8.35 25.33 -0.68
CA ALA A 55 7.12 24.82 -1.27
C ALA A 55 6.08 24.65 -0.18
N ASP A 56 5.04 25.51 -0.21
CA ASP A 56 4.13 25.66 0.92
C ASP A 56 3.28 24.42 1.15
N LYS A 57 3.04 23.61 0.13
CA LYS A 57 2.16 22.45 0.24
C LYS A 57 2.91 21.17 0.62
N LEU A 58 4.23 21.22 0.74
CA LEU A 58 5.05 20.02 0.84
C LEU A 58 5.76 19.94 2.18
N TYR A 59 5.97 18.71 2.63
CA TYR A 59 6.81 18.42 3.78
C TYR A 59 8.09 17.73 3.34
N ILE A 60 9.15 17.91 4.12
CA ILE A 60 10.31 17.04 4.09
C ILE A 60 10.12 16.00 5.19
N ILE A 61 10.16 14.73 4.82
CA ILE A 61 9.81 13.63 5.73
C ILE A 61 10.98 12.65 5.83
N LYS A 62 11.43 12.41 7.05
CA LYS A 62 12.50 11.47 7.33
C LYS A 62 11.88 10.16 7.82
N VAL A 63 12.12 9.07 7.10
CA VAL A 63 11.49 7.79 7.38
C VAL A 63 12.58 6.79 7.74
N SER A 64 12.38 6.08 8.85
CA SER A 64 13.30 5.02 9.25
C SER A 64 12.82 3.67 8.73
N LEU A 65 13.74 2.92 8.09
CA LEU A 65 13.52 1.52 7.76
C LEU A 65 14.22 0.59 8.73
N GLY A 66 14.57 1.07 9.92
CA GLY A 66 15.30 0.25 10.87
C GLY A 66 16.75 0.66 10.94
N ASN A 67 17.62 -0.01 10.19
CA ASN A 67 19.01 0.40 10.15
C ASN A 67 19.32 1.33 8.98
N LYS A 68 18.33 1.71 8.18
CA LYS A 68 18.49 2.77 7.19
C LYS A 68 17.41 3.82 7.37
N GLN A 69 17.66 4.98 6.78
CA GLN A 69 16.69 6.06 6.73
C GLN A 69 16.64 6.65 5.33
N LYS A 70 15.46 7.14 4.97
CA LYS A 70 15.31 7.87 3.71
C LYS A 70 14.57 9.18 3.93
N THR A 71 14.90 10.15 3.10
CA THR A 71 14.30 11.48 3.18
C THR A 71 13.46 11.71 1.94
N LEU A 72 12.18 11.98 2.15
CA LEU A 72 11.23 12.10 1.06
C LEU A 72 10.52 13.44 1.14
N VAL A 73 9.98 13.88 0.00
CA VAL A 73 9.14 15.07 -0.07
C VAL A 73 7.71 14.58 -0.32
N GLY A 74 6.79 15.01 0.52
CA GLY A 74 5.41 14.57 0.42
C GLY A 74 4.44 15.74 0.44
N GLY A 75 3.42 15.65 -0.42
CA GLY A 75 2.41 16.69 -0.45
C GLY A 75 1.33 16.46 0.58
N LEU A 76 1.71 16.46 1.86
CA LEU A 76 0.81 16.08 2.94
C LEU A 76 0.47 17.22 3.87
N LYS A 77 1.05 18.41 3.65
CA LYS A 77 0.89 19.51 4.60
C LYS A 77 -0.56 19.97 4.70
N GLN A 78 -1.31 19.91 3.61
CA GLN A 78 -2.71 20.31 3.67
C GLN A 78 -3.55 19.34 4.49
N TYR A 79 -3.08 18.12 4.72
CA TYR A 79 -3.91 17.06 5.29
C TYR A 79 -3.50 16.59 6.68
N TYR A 80 -2.23 16.75 7.03
CA TYR A 80 -1.68 16.29 8.31
C TYR A 80 -0.84 17.40 8.91
N LYS A 81 -1.01 17.66 10.21
CA LYS A 81 -0.06 18.49 10.92
C LYS A 81 1.24 17.71 11.14
N LYS A 82 2.33 18.45 11.36
CA LYS A 82 3.63 17.82 11.54
C LYS A 82 3.63 16.85 12.73
N GLU A 83 2.91 17.20 13.80
CA GLU A 83 2.88 16.35 14.99
C GLU A 83 1.98 15.13 14.83
N GLU A 84 1.04 15.14 13.87
CA GLU A 84 0.29 13.93 13.59
C GLU A 84 1.11 12.90 12.82
N LEU A 85 2.21 13.30 12.22
CA LEU A 85 3.00 12.38 11.41
C LEU A 85 4.15 11.75 12.18
N ILE A 86 4.65 12.39 13.23
CA ILE A 86 5.78 11.85 13.97
C ILE A 86 5.40 10.52 14.60
N GLY A 87 6.19 9.49 14.31
CA GLY A 87 5.98 8.16 14.84
C GLY A 87 5.00 7.32 14.06
N LYS A 88 4.46 7.85 12.97
CA LYS A 88 3.50 7.12 12.16
C LYS A 88 4.18 5.99 11.41
N TYR A 89 3.54 4.82 11.39
CA TYR A 89 3.97 3.73 10.53
C TYR A 89 3.37 3.94 9.15
N VAL A 90 4.22 3.91 8.12
CA VAL A 90 3.81 4.27 6.77
C VAL A 90 4.34 3.22 5.81
N VAL A 91 3.94 3.35 4.55
CA VAL A 91 4.41 2.46 3.48
C VAL A 91 5.07 3.32 2.41
N LEU A 92 6.29 2.97 2.05
CA LEU A 92 7.00 3.74 1.03
C LEU A 92 7.51 2.82 -0.07
N ILE A 93 7.66 3.39 -1.24
CA ILE A 93 8.37 2.72 -2.32
C ILE A 93 9.84 3.03 -2.12
N ASN A 94 10.63 1.97 -1.93
CA ASN A 94 12.01 2.08 -1.44
C ASN A 94 13.05 2.01 -2.55
N ASN A 95 12.63 1.75 -3.80
CA ASN A 95 13.57 1.71 -4.92
C ASN A 95 13.18 2.72 -6.00
N LEU A 96 12.64 3.85 -5.58
CA LEU A 96 12.32 4.92 -6.52
C LEU A 96 13.58 5.72 -6.85
N LYS A 97 13.73 6.10 -8.10
CA LYS A 97 14.86 6.95 -8.45
C LYS A 97 14.70 8.31 -7.77
N PRO A 98 15.77 8.88 -7.24
CA PRO A 98 15.65 10.17 -6.55
C PRO A 98 15.27 11.29 -7.51
N LYS A 99 14.61 12.31 -6.97
CA LYS A 99 14.12 13.43 -7.75
C LYS A 99 14.33 14.73 -6.98
N GLN A 100 14.72 15.78 -7.71
CA GLN A 100 14.86 17.10 -7.12
C GLN A 100 13.52 17.82 -7.13
N LEU A 101 13.08 18.26 -5.95
CA LEU A 101 11.85 19.02 -5.82
C LEU A 101 12.20 20.36 -5.16
N ARG A 102 12.38 21.38 -5.99
CA ARG A 102 12.61 22.76 -5.57
C ARG A 102 13.72 22.83 -4.52
N GLY A 103 14.86 22.21 -4.83
CA GLY A 103 16.04 22.31 -3.98
C GLY A 103 16.17 21.21 -2.94
N ILE A 104 15.26 20.25 -2.90
CA ILE A 104 15.29 19.16 -1.94
C ILE A 104 15.31 17.84 -2.71
N THR A 105 16.24 16.96 -2.38
CA THR A 105 16.28 15.63 -2.99
C THR A 105 15.28 14.72 -2.28
N SER A 106 14.33 14.20 -3.04
CA SER A 106 13.35 13.25 -2.52
C SER A 106 13.77 11.85 -2.91
N GLU A 107 13.86 10.94 -1.93
CA GLU A 107 14.40 9.61 -2.14
C GLU A 107 13.34 8.54 -2.31
N GLY A 108 12.07 8.90 -2.34
CA GLY A 108 11.02 7.89 -2.43
C GLY A 108 9.68 8.55 -2.25
N MET A 109 8.66 7.73 -1.97
CA MET A 109 7.33 8.29 -1.83
C MET A 109 6.52 7.43 -0.89
N LEU A 110 5.65 8.07 -0.12
CA LEU A 110 4.71 7.38 0.75
C LEU A 110 3.40 7.16 0.02
N LEU A 111 2.74 6.05 0.35
CA LEU A 111 1.47 5.69 -0.26
C LEU A 111 0.31 6.19 0.57
N ALA A 112 -0.68 6.79 -0.11
CA ALA A 112 -1.86 7.31 0.58
C ALA A 112 -3.06 7.23 -0.34
N ALA A 113 -4.18 6.76 0.21
CA ALA A 113 -5.47 6.80 -0.49
C ALA A 113 -6.05 8.21 -0.47
N ASP A 114 -6.80 8.55 -1.51
CA ASP A 114 -7.36 9.89 -1.67
C ASP A 114 -8.68 9.77 -2.40
N ASP A 115 -9.75 10.29 -1.80
CA ASP A 115 -11.05 10.31 -2.45
C ASP A 115 -11.55 11.73 -2.75
N GLY A 116 -10.68 12.73 -2.67
CA GLY A 116 -11.08 14.10 -2.86
C GLY A 116 -11.62 14.77 -1.62
N LYS A 117 -12.04 13.99 -0.62
CA LYS A 117 -12.48 14.52 0.66
C LYS A 117 -11.41 14.37 1.73
N GLU A 118 -10.78 13.21 1.81
CA GLU A 118 -9.70 13.00 2.75
C GLU A 118 -8.55 12.30 2.04
N VAL A 119 -7.38 12.41 2.66
CA VAL A 119 -6.19 11.67 2.29
C VAL A 119 -5.81 10.79 3.47
N ALA A 120 -5.62 9.49 3.22
CA ALA A 120 -5.33 8.53 4.27
C ALA A 120 -4.05 7.79 3.91
N LEU A 121 -2.96 8.10 4.61
CA LEU A 121 -1.75 7.31 4.48
C LEU A 121 -2.03 5.84 4.78
N LEU A 122 -1.35 4.96 4.05
CA LEU A 122 -1.43 3.54 4.33
C LEU A 122 -0.53 3.17 5.50
N MET A 123 -0.92 2.12 6.23
CA MET A 123 -0.19 1.66 7.38
C MET A 123 -0.37 0.16 7.54
N PRO A 124 0.57 -0.53 8.16
CA PRO A 124 0.29 -1.91 8.59
C PRO A 124 -0.74 -1.87 9.71
N ASP A 125 -1.50 -2.97 9.86
CA ASP A 125 -2.54 -2.96 10.88
C ASP A 125 -2.01 -3.31 12.26
N LYS A 126 -0.71 -3.52 12.38
CA LYS A 126 -0.04 -3.83 13.62
C LYS A 126 1.33 -3.19 13.56
N PRO A 127 1.92 -2.81 14.70
CA PRO A 127 3.35 -2.52 14.70
C PRO A 127 4.07 -3.77 14.22
N ILE A 128 4.89 -3.59 13.19
CA ILE A 128 5.68 -4.66 12.62
C ILE A 128 7.07 -4.09 12.40
N SER A 129 8.06 -4.97 12.34
CA SER A 129 9.44 -4.51 12.27
C SER A 129 9.62 -3.52 11.11
N LEU A 130 10.30 -2.42 11.40
CA LEU A 130 10.57 -1.43 10.36
C LEU A 130 11.40 -2.07 9.26
N GLY A 131 11.10 -1.68 8.01
CA GLY A 131 11.74 -2.28 6.88
C GLY A 131 11.08 -3.56 6.36
N SER A 132 10.00 -4.03 7.01
CA SER A 132 9.30 -5.21 6.52
C SER A 132 8.85 -5.01 5.08
N LYS A 133 8.99 -6.05 4.27
CA LYS A 133 8.60 -5.96 2.87
C LYS A 133 7.09 -6.15 2.74
N VAL A 134 6.48 -5.37 1.87
CA VAL A 134 5.06 -5.52 1.55
C VAL A 134 4.95 -6.41 0.32
N ARG A 135 4.08 -7.40 0.39
CA ARG A 135 3.87 -8.27 -0.74
C ARG A 135 2.39 -8.58 -0.84
N ALA B 24 13.22 3.52 -22.66
CA ALA B 24 14.14 4.41 -21.97
C ALA B 24 15.40 3.67 -21.52
N GLU B 25 16.44 4.45 -21.23
CA GLU B 25 17.67 3.98 -20.62
C GLU B 25 17.41 2.98 -19.49
N GLU B 26 18.16 1.87 -19.48
CA GLU B 26 17.95 0.89 -18.41
C GLU B 26 18.22 1.51 -17.04
N GLU B 27 17.38 1.16 -16.07
CA GLU B 27 17.50 1.69 -14.71
C GLU B 27 17.79 0.62 -13.68
N TYR B 28 17.89 -0.65 -14.08
CA TYR B 28 18.33 -1.75 -13.22
C TYR B 28 17.32 -1.87 -12.07
N GLY B 29 17.76 -1.86 -10.81
CA GLY B 29 16.82 -2.12 -9.74
C GLY B 29 15.90 -1.00 -9.33
N LEU B 30 15.97 0.17 -9.98
CA LEU B 30 15.21 1.34 -9.58
C LEU B 30 14.01 1.56 -10.48
N VAL B 31 12.97 2.19 -9.93
CA VAL B 31 11.74 2.39 -10.67
C VAL B 31 11.40 3.87 -10.71
N SER B 32 10.57 4.25 -11.66
CA SER B 32 10.02 5.59 -11.74
C SER B 32 8.58 5.59 -11.26
N TYR B 33 8.03 6.81 -11.14
CA TYR B 33 6.64 6.94 -10.75
C TYR B 33 5.72 6.19 -11.71
N LEU B 34 6.05 6.15 -13.00
CA LEU B 34 5.22 5.45 -13.96
C LEU B 34 5.12 3.96 -13.65
N ASP B 35 6.17 3.36 -13.09
CA ASP B 35 6.07 1.94 -12.73
C ASP B 35 5.07 1.72 -11.61
N PHE B 36 4.95 2.69 -10.71
CA PHE B 36 3.91 2.64 -9.69
C PHE B 36 2.53 2.93 -10.28
N ALA B 37 2.46 3.90 -11.20
CA ALA B 37 1.17 4.36 -11.71
C ALA B 37 0.48 3.31 -12.58
N LYS B 38 1.24 2.33 -13.11
CA LYS B 38 0.68 1.19 -13.84
C LYS B 38 -0.28 0.37 -12.98
N LEU B 39 -0.09 0.41 -11.66
CA LEU B 39 -0.83 -0.43 -10.74
C LEU B 39 -2.01 0.35 -10.18
N ASP B 40 -3.20 -0.23 -10.30
CA ASP B 40 -4.41 0.37 -9.76
C ASP B 40 -4.61 -0.15 -8.33
N MET B 41 -4.13 0.60 -7.35
CA MET B 41 -4.25 0.22 -5.95
C MET B 41 -5.40 0.97 -5.32
N ARG B 42 -6.31 0.24 -4.69
CA ARG B 42 -7.55 0.80 -4.16
C ARG B 42 -7.75 0.39 -2.71
N VAL B 43 -8.46 1.23 -1.96
CA VAL B 43 -9.00 0.81 -0.68
C VAL B 43 -10.28 0.04 -0.94
N GLY B 44 -10.38 -1.13 -0.31
CA GLY B 44 -11.61 -1.91 -0.30
C GLY B 44 -11.94 -2.34 1.12
N LYS B 45 -13.10 -2.99 1.26
CA LYS B 45 -13.54 -3.51 2.54
C LYS B 45 -13.90 -4.97 2.37
N ILE B 46 -13.40 -5.83 3.27
CA ILE B 46 -13.77 -7.24 3.19
C ILE B 46 -15.21 -7.40 3.64
N ILE B 47 -16.03 -8.03 2.79
CA ILE B 47 -17.43 -8.25 3.11
C ILE B 47 -17.78 -9.72 3.30
N ASP B 48 -16.91 -10.65 2.90
CA ASP B 48 -17.15 -12.07 3.13
C ASP B 48 -15.83 -12.81 3.10
N VAL B 49 -15.69 -13.83 3.95
CA VAL B 49 -14.53 -14.71 3.96
C VAL B 49 -15.01 -16.13 4.10
N GLN B 50 -14.51 -17.02 3.24
CA GLN B 50 -14.85 -18.43 3.29
C GLN B 50 -13.58 -19.25 3.20
N ASP B 51 -13.67 -20.51 3.65
CA ASP B 51 -12.58 -21.45 3.45
C ASP B 51 -12.50 -21.84 1.98
N HIS B 52 -11.28 -21.88 1.45
CA HIS B 52 -11.06 -22.40 0.11
C HIS B 52 -11.34 -23.90 0.12
N PRO B 53 -12.28 -24.40 -0.68
CA PRO B 53 -12.68 -25.81 -0.55
C PRO B 53 -11.61 -26.80 -0.99
N ASN B 54 -10.57 -26.36 -1.69
CA ASN B 54 -9.53 -27.27 -2.15
C ASN B 54 -8.15 -26.95 -1.58
N ALA B 55 -8.05 -26.05 -0.59
CA ALA B 55 -6.76 -25.61 -0.07
C ALA B 55 -6.93 -25.16 1.37
N ASP B 56 -6.33 -25.91 2.30
CA ASP B 56 -6.61 -25.75 3.72
C ASP B 56 -5.97 -24.51 4.35
N LYS B 57 -5.01 -23.86 3.69
CA LYS B 57 -4.41 -22.65 4.23
C LYS B 57 -4.93 -21.38 3.58
N LEU B 58 -5.93 -21.48 2.71
CA LEU B 58 -6.36 -20.34 1.92
C LEU B 58 -7.80 -19.98 2.23
N TYR B 59 -8.08 -18.69 2.09
CA TYR B 59 -9.41 -18.10 2.18
C TYR B 59 -9.86 -17.64 0.81
N ILE B 60 -11.17 -17.70 0.58
CA ILE B 60 -11.80 -16.94 -0.49
C ILE B 60 -12.36 -15.68 0.13
N ILE B 61 -11.94 -14.52 -0.38
CA ILE B 61 -12.24 -13.24 0.23
C ILE B 61 -12.97 -12.37 -0.79
N LYS B 62 -14.14 -11.87 -0.40
CA LYS B 62 -14.90 -10.95 -1.24
C LYS B 62 -14.65 -9.55 -0.72
N VAL B 63 -14.18 -8.66 -1.61
CA VAL B 63 -13.82 -7.28 -1.26
C VAL B 63 -14.73 -6.34 -2.03
N SER B 64 -15.32 -5.38 -1.33
CA SER B 64 -16.18 -4.36 -1.94
C SER B 64 -15.37 -3.11 -2.25
N LEU B 65 -15.49 -2.62 -3.48
CA LEU B 65 -14.98 -1.31 -3.86
C LEU B 65 -16.10 -0.27 -3.93
N GLY B 66 -17.24 -0.56 -3.33
CA GLY B 66 -18.36 0.37 -3.38
C GLY B 66 -19.46 -0.16 -4.26
N ASN B 67 -19.30 -0.02 -5.58
CA ASN B 67 -20.28 -0.54 -6.52
C ASN B 67 -19.73 -1.62 -7.43
N LYS B 68 -18.52 -2.11 -7.16
CA LYS B 68 -18.09 -3.39 -7.70
C LYS B 68 -17.46 -4.19 -6.56
N GLN B 69 -17.45 -5.49 -6.73
CA GLN B 69 -16.80 -6.40 -5.80
C GLN B 69 -15.80 -7.24 -6.56
N LYS B 70 -14.77 -7.70 -5.84
CA LYS B 70 -13.77 -8.60 -6.40
C LYS B 70 -13.61 -9.80 -5.50
N THR B 71 -13.34 -10.95 -6.11
CA THR B 71 -13.14 -12.21 -5.40
C THR B 71 -11.66 -12.54 -5.41
N LEU B 72 -11.07 -12.69 -4.23
CA LEU B 72 -9.65 -12.94 -4.08
C LEU B 72 -9.40 -14.25 -3.34
N VAL B 73 -8.24 -14.85 -3.57
CA VAL B 73 -7.76 -15.99 -2.80
C VAL B 73 -6.56 -15.50 -2.00
N GLY B 74 -6.61 -15.66 -0.67
CA GLY B 74 -5.55 -15.14 0.17
C GLY B 74 -5.00 -16.16 1.14
N GLY B 75 -3.69 -16.19 1.31
CA GLY B 75 -3.10 -17.07 2.30
C GLY B 75 -3.04 -16.43 3.67
N LEU B 76 -4.20 -16.11 4.24
CA LEU B 76 -4.30 -15.40 5.50
C LEU B 76 -4.86 -16.25 6.63
N LYS B 77 -5.29 -17.47 6.31
CA LYS B 77 -5.98 -18.32 7.27
C LYS B 77 -5.11 -18.61 8.49
N GLN B 78 -3.81 -18.69 8.30
CA GLN B 78 -2.92 -18.96 9.42
C GLN B 78 -2.66 -17.73 10.28
N TYR B 79 -3.06 -16.53 9.82
CA TYR B 79 -2.76 -15.29 10.53
C TYR B 79 -3.99 -14.54 11.03
N TYR B 80 -5.17 -14.76 10.43
CA TYR B 80 -6.36 -13.99 10.78
C TYR B 80 -7.56 -14.91 10.87
N LYS B 81 -8.38 -14.71 11.89
CA LYS B 81 -9.68 -15.38 11.94
C LYS B 81 -10.63 -14.73 10.94
N LYS B 82 -11.53 -15.55 10.37
CA LYS B 82 -12.49 -15.03 9.40
C LYS B 82 -13.24 -13.83 9.92
N GLU B 83 -13.73 -13.91 11.17
CA GLU B 83 -14.56 -12.83 11.71
C GLU B 83 -13.75 -11.56 11.98
N GLU B 84 -12.43 -11.66 12.10
CA GLU B 84 -11.59 -10.47 12.24
C GLU B 84 -11.32 -9.80 10.90
N LEU B 85 -11.50 -10.51 9.79
CA LEU B 85 -11.34 -9.91 8.48
C LEU B 85 -12.60 -9.23 7.99
N ILE B 86 -13.78 -9.70 8.42
CA ILE B 86 -15.02 -9.08 7.97
C ILE B 86 -15.07 -7.64 8.44
N GLY B 87 -15.33 -6.72 7.50
CA GLY B 87 -15.37 -5.31 7.80
C GLY B 87 -14.04 -4.59 7.80
N LYS B 88 -12.95 -5.31 7.57
CA LYS B 88 -11.62 -4.71 7.57
C LYS B 88 -11.42 -3.87 6.31
N TYR B 89 -10.89 -2.65 6.48
CA TYR B 89 -10.52 -1.85 5.31
C TYR B 89 -9.14 -2.28 4.86
N VAL B 90 -9.00 -2.66 3.59
CA VAL B 90 -7.78 -3.28 3.07
C VAL B 90 -7.34 -2.55 1.81
N VAL B 91 -6.16 -2.93 1.32
CA VAL B 91 -5.59 -2.32 0.13
C VAL B 91 -5.45 -3.41 -0.92
N LEU B 92 -6.10 -3.22 -2.06
CA LEU B 92 -6.18 -4.21 -3.13
C LEU B 92 -5.42 -3.73 -4.35
N ILE B 93 -4.67 -4.64 -5.00
CA ILE B 93 -4.22 -4.37 -6.36
C ILE B 93 -5.35 -4.78 -7.29
N ASN B 94 -5.89 -3.82 -8.03
CA ASN B 94 -7.19 -3.95 -8.67
C ASN B 94 -7.12 -4.21 -10.17
N ASN B 95 -5.92 -4.27 -10.76
CA ASN B 95 -5.80 -4.50 -12.19
C ASN B 95 -4.73 -5.54 -12.48
N LEU B 96 -4.62 -6.56 -11.64
CA LEU B 96 -3.77 -7.70 -11.95
C LEU B 96 -4.51 -8.69 -12.83
N LYS B 97 -3.77 -9.35 -13.70
CA LYS B 97 -4.35 -10.48 -14.43
C LYS B 97 -4.83 -11.53 -13.43
N PRO B 98 -5.94 -12.20 -13.73
CA PRO B 98 -6.48 -13.19 -12.79
C PRO B 98 -5.62 -14.45 -12.74
N LYS B 99 -5.81 -15.21 -11.67
CA LYS B 99 -5.02 -16.40 -11.42
C LYS B 99 -5.91 -17.48 -10.83
N GLN B 100 -5.90 -18.68 -11.41
CA GLN B 100 -6.66 -19.79 -10.86
C GLN B 100 -5.80 -20.52 -9.84
N LEU B 101 -6.30 -20.60 -8.61
CA LEU B 101 -5.62 -21.31 -7.53
C LEU B 101 -6.51 -22.47 -7.13
N ARG B 102 -6.11 -23.68 -7.52
CA ARG B 102 -6.79 -24.92 -7.16
C ARG B 102 -8.31 -24.79 -7.31
N GLY B 103 -8.73 -24.37 -8.50
CA GLY B 103 -10.13 -24.33 -8.87
C GLY B 103 -10.87 -23.02 -8.63
N ILE B 104 -10.24 -22.02 -7.99
CA ILE B 104 -10.90 -20.76 -7.68
C ILE B 104 -10.09 -19.63 -8.30
N THR B 105 -10.75 -18.81 -9.11
CA THR B 105 -10.08 -17.69 -9.75
C THR B 105 -9.95 -16.53 -8.77
N SER B 106 -8.71 -16.11 -8.51
CA SER B 106 -8.44 -14.91 -7.73
C SER B 106 -8.29 -13.72 -8.66
N GLU B 107 -9.03 -12.66 -8.37
CA GLU B 107 -9.13 -11.51 -9.24
C GLU B 107 -8.22 -10.38 -8.80
N GLY B 108 -7.43 -10.59 -7.76
CA GLY B 108 -6.54 -9.55 -7.27
C GLY B 108 -5.82 -10.02 -6.03
N MET B 109 -5.14 -9.09 -5.37
CA MET B 109 -4.41 -9.45 -4.16
C MET B 109 -4.46 -8.30 -3.18
N LEU B 110 -4.48 -8.65 -1.90
CA LEU B 110 -4.37 -7.68 -0.83
C LEU B 110 -2.90 -7.51 -0.48
N LEU B 111 -2.53 -6.30 -0.11
CA LEU B 111 -1.17 -6.02 0.33
C LEU B 111 -1.04 -6.26 1.82
N ALA B 112 0.08 -6.86 2.22
CA ALA B 112 0.36 -7.12 3.62
C ALA B 112 1.86 -7.01 3.84
N ALA B 113 2.23 -6.45 4.99
CA ALA B 113 3.60 -6.45 5.44
C ALA B 113 3.94 -7.79 6.10
N ASP B 114 5.16 -8.26 5.87
CA ASP B 114 5.60 -9.57 6.35
C ASP B 114 7.06 -9.45 6.73
N ASP B 115 7.40 -9.72 7.99
CA ASP B 115 8.79 -9.71 8.42
C ASP B 115 9.32 -11.12 8.68
N GLY B 116 8.59 -12.16 8.28
CA GLY B 116 8.95 -13.52 8.58
C GLY B 116 8.50 -14.00 9.95
N LYS B 117 8.21 -13.10 10.88
CA LYS B 117 7.64 -13.45 12.16
C LYS B 117 6.14 -13.17 12.23
N GLU B 118 5.64 -12.26 11.39
CA GLU B 118 4.31 -11.71 11.57
C GLU B 118 3.82 -11.15 10.25
N VAL B 119 2.51 -11.20 10.04
CA VAL B 119 1.87 -10.70 8.82
C VAL B 119 0.87 -9.62 9.21
N ALA B 120 1.02 -8.43 8.63
CA ALA B 120 0.17 -7.29 8.94
C ALA B 120 -0.42 -6.75 7.64
N LEU B 121 -1.72 -7.02 7.42
CA LEU B 121 -2.41 -6.41 6.29
C LEU B 121 -2.29 -4.89 6.33
N LEU B 122 -2.12 -4.28 5.15
CA LEU B 122 -2.15 -2.84 5.06
C LEU B 122 -3.58 -2.32 5.15
N MET B 123 -3.71 -1.12 5.67
CA MET B 123 -5.01 -0.47 5.78
C MET B 123 -4.81 1.01 5.60
N PRO B 124 -5.82 1.74 5.12
CA PRO B 124 -5.78 3.20 5.25
C PRO B 124 -5.85 3.56 6.72
N ASP B 125 -5.26 4.71 7.07
CA ASP B 125 -5.23 5.08 8.48
C ASP B 125 -6.55 5.64 8.98
N LYS B 126 -7.52 5.82 8.08
CA LYS B 126 -8.90 6.18 8.37
C LYS B 126 -9.79 5.42 7.39
N PRO B 127 -11.16 5.20 7.76
CA PRO B 127 -12.09 4.49 6.85
C PRO B 127 -12.60 5.34 5.70
N ILE B 128 -11.69 5.65 4.77
CA ILE B 128 -11.93 6.47 3.59
C ILE B 128 -12.87 5.73 2.64
N SER B 129 -13.41 6.45 1.65
CA SER B 129 -14.46 5.87 0.81
C SER B 129 -13.97 4.63 0.07
N LEU B 130 -14.86 3.64 -0.06
CA LEU B 130 -14.51 2.43 -0.77
C LEU B 130 -14.16 2.72 -2.22
N GLY B 131 -13.15 2.04 -2.73
CA GLY B 131 -12.70 2.33 -4.08
C GLY B 131 -11.75 3.49 -4.20
N SER B 132 -11.42 4.17 -3.09
CA SER B 132 -10.44 5.25 -3.11
C SER B 132 -9.12 4.77 -3.70
N LYS B 133 -8.52 5.59 -4.56
CA LYS B 133 -7.30 5.20 -5.24
C LYS B 133 -6.08 5.67 -4.46
N VAL B 134 -5.05 4.82 -4.45
CA VAL B 134 -3.80 5.11 -3.77
C VAL B 134 -2.90 5.89 -4.72
N ARG B 135 -2.32 6.97 -4.22
CA ARG B 135 -1.34 7.76 -4.98
C ARG B 135 -0.10 8.02 -4.12
#